data_4MGN
#
_entry.id   4MGN
#
_cell.length_a   92.838
_cell.length_b   205.182
_cell.length_c   161.421
_cell.angle_alpha   90.000
_cell.angle_beta   90.000
_cell.angle_gamma   90.000
#
_symmetry.space_group_name_H-M   'C 2 2 21'
#
loop_
_entity.id
_entity.type
_entity.pdbx_description
1 polymer 'glyQS T box riboswitch'
2 polymer tRNA-glycine
3 non-polymer 'MAGNESIUM ION'
#
loop_
_entity_poly.entity_id
_entity_poly.type
_entity_poly.pdbx_seq_one_letter_code
_entity_poly.pdbx_strand_id
1 'polyribonucleotide'
;(GTP)GAAUCAAUAGUAGUUAACCCUCUCUUCCGAAGCGAGCCGGGGGCGGUGGGAGCCCGGUGAAGACGGUUAAUGAAA
CGGCAGUUCC
;
A,C
2 'polyribonucleotide' (GTP)CGGAAGUAGUUCAGUGGUAGAACACCACCUUGCCAAGGUGGGGGUCGCGGGUUCGAGUCCCGUCUUCCGCUCCA B,D
#
loop_
_chem_comp.id
_chem_comp.type
_chem_comp.name
_chem_comp.formula
A RNA linking ADENOSINE-5'-MONOPHOSPHATE 'C10 H14 N5 O7 P'
C RNA linking CYTIDINE-5'-MONOPHOSPHATE 'C9 H14 N3 O8 P'
G RNA linking GUANOSINE-5'-MONOPHOSPHATE 'C10 H14 N5 O8 P'
GTP non-polymer GUANOSINE-5'-TRIPHOSPHATE 'C10 H16 N5 O14 P3'
MG non-polymer 'MAGNESIUM ION' 'Mg 2'
U RNA linking URIDINE-5'-MONOPHOSPHATE 'C9 H13 N2 O9 P'
#
# COMPACT_ATOMS: atom_id res chain seq x y z
PG GTP A 1 -19.04 8.73 -49.44
O1G GTP A 1 -18.54 7.30 -49.52
O2G GTP A 1 -19.90 9.03 -50.65
O3G GTP A 1 -17.85 9.67 -49.41
O3B GTP A 1 -19.91 8.90 -48.11
PB GTP A 1 -19.35 8.48 -46.65
O1B GTP A 1 -18.76 7.10 -46.70
O2B GTP A 1 -18.33 9.49 -46.19
O3A GTP A 1 -20.64 8.52 -45.69
PA GTP A 1 -22.15 8.10 -46.13
O1A GTP A 1 -23.12 9.11 -45.57
O2A GTP A 1 -22.31 7.99 -47.62
O5' GTP A 1 -22.45 6.68 -45.44
C5' GTP A 1 -21.44 5.76 -45.08
C4' GTP A 1 -21.80 4.41 -45.68
O4' GTP A 1 -22.19 4.53 -47.04
C3' GTP A 1 -20.65 3.42 -45.71
O3' GTP A 1 -20.48 2.77 -44.49
C2' GTP A 1 -21.08 2.47 -46.81
O2' GTP A 1 -21.88 1.44 -46.28
C1' GTP A 1 -21.91 3.34 -47.75
N9 GTP A 1 -21.09 3.63 -48.94
C8 GTP A 1 -20.76 4.86 -49.42
N7 GTP A 1 -20.01 4.71 -50.54
C5 GTP A 1 -19.87 3.39 -50.78
C6 GTP A 1 -19.20 2.68 -51.78
O6 GTP A 1 -18.60 3.28 -52.67
N1 GTP A 1 -19.23 1.30 -51.78
C2 GTP A 1 -19.91 0.63 -50.78
N2 GTP A 1 -19.94 -0.70 -50.77
N3 GTP A 1 -20.57 1.33 -49.79
C4 GTP A 1 -20.55 2.70 -49.78
PG GTP B 1 -9.54 28.42 8.45
O1G GTP B 1 -10.68 28.06 7.52
O2G GTP B 1 -8.78 29.60 7.90
O3G GTP B 1 -8.62 27.23 8.60
O3B GTP B 1 -10.18 28.81 9.88
PB GTP B 1 -11.04 27.76 10.74
O1B GTP B 1 -11.41 28.38 12.06
O2B GTP B 1 -12.27 27.32 9.98
O3A GTP B 1 -10.05 26.51 10.99
PA GTP B 1 -8.64 26.73 11.72
O1A GTP B 1 -7.76 25.51 11.49
O2A GTP B 1 -7.94 27.98 11.25
O5' GTP B 1 -8.98 26.84 13.29
C5' GTP B 1 -8.53 25.84 14.18
C4' GTP B 1 -9.69 25.20 14.92
O4' GTP B 1 -10.77 24.89 14.08
C3' GTP B 1 -9.29 23.86 15.50
O3' GTP B 1 -8.54 23.97 16.68
C2' GTP B 1 -10.64 23.19 15.70
O2' GTP B 1 -11.14 23.50 16.98
C1' GTP B 1 -11.52 23.79 14.61
N9 GTP B 1 -11.77 22.80 13.56
C8 GTP B 1 -11.72 23.03 12.21
N7 GTP B 1 -12.04 21.89 11.56
C5 GTP B 1 -12.32 20.93 12.47
C6 GTP B 1 -12.69 19.60 12.34
O6 GTP B 1 -12.83 19.10 11.22
N1 GTP B 1 -12.91 18.84 13.47
C2 GTP B 1 -12.75 19.41 14.72
N2 GTP B 1 -12.97 18.67 15.81
N3 GTP B 1 -12.38 20.73 14.84
C4 GTP B 1 -12.16 21.49 13.74
PG GTP C 1 18.62 -19.31 46.69
O1G GTP C 1 17.57 -18.35 47.20
O2G GTP C 1 19.97 -18.92 47.24
O3G GTP C 1 18.66 -19.26 45.18
O3B GTP C 1 18.26 -20.80 47.18
PB GTP C 1 16.78 -21.43 47.04
O1B GTP C 1 16.38 -22.09 48.35
O2B GTP C 1 15.78 -20.36 46.66
O3A GTP C 1 16.82 -22.54 45.87
PA GTP C 1 17.54 -22.29 44.45
O1A GTP C 1 16.83 -21.20 43.72
O2A GTP C 1 19.01 -21.99 44.62
O5' GTP C 1 17.34 -23.69 43.68
C5' GTP C 1 16.05 -24.23 43.47
C4' GTP C 1 15.99 -25.63 44.08
O4' GTP C 1 16.41 -25.62 45.43
C3' GTP C 1 14.60 -26.22 44.13
O3' GTP C 1 14.20 -26.79 42.91
C2' GTP C 1 14.75 -27.27 45.21
O2' GTP C 1 15.23 -28.47 44.66
C1' GTP C 1 15.80 -26.69 46.14
N9 GTP C 1 15.09 -26.20 47.33
C8 GTP C 1 14.92 -24.88 47.69
N7 GTP C 1 14.21 -24.86 48.83
C5 GTP C 1 13.91 -26.12 49.21
C6 GTP C 1 13.21 -26.64 50.28
O6 GTP C 1 12.72 -25.89 51.13
N1 GTP C 1 13.08 -28.01 50.42
C2 GTP C 1 13.63 -28.85 49.47
N2 GTP C 1 13.49 -30.17 49.60
N3 GTP C 1 14.32 -28.32 48.39
C4 GTP C 1 14.46 -26.97 48.26
PG GTP D 1 15.41 -4.88 -6.65
O1G GTP D 1 15.62 -6.34 -6.28
O2G GTP D 1 15.32 -4.05 -5.39
O3G GTP D 1 14.14 -4.74 -7.45
O3B GTP D 1 16.68 -4.40 -7.52
PB GTP D 1 17.08 -5.14 -8.90
O1B GTP D 1 18.12 -4.31 -9.63
O2B GTP D 1 17.57 -6.54 -8.64
O3A GTP D 1 15.71 -5.14 -9.74
PA GTP D 1 15.15 -3.77 -10.36
O1A GTP D 1 13.66 -3.72 -10.20
O2A GTP D 1 15.82 -2.57 -9.74
O5' GTP D 1 15.53 -3.90 -11.92
C5' GTP D 1 14.71 -4.68 -12.76
C4' GTP D 1 15.51 -5.73 -13.52
O4' GTP D 1 16.40 -6.47 -12.71
C3' GTP D 1 14.59 -6.78 -14.11
O3' GTP D 1 13.97 -6.31 -15.29
C2' GTP D 1 15.56 -7.91 -14.36
O2' GTP D 1 16.13 -7.79 -15.64
C1' GTP D 1 16.63 -7.74 -13.29
N9 GTP D 1 16.53 -8.81 -12.27
C8 GTP D 1 16.83 -8.65 -10.94
N7 GTP D 1 16.64 -9.82 -10.29
C5 GTP D 1 16.22 -10.74 -11.18
C6 GTP D 1 15.88 -12.09 -11.06
O6 GTP D 1 15.94 -12.63 -9.95
N1 GTP D 1 15.48 -12.81 -12.16
C2 GTP D 1 15.41 -12.18 -13.39
N2 GTP D 1 15.03 -12.87 -14.47
N3 GTP D 1 15.75 -10.85 -13.51
C4 GTP D 1 16.15 -10.13 -12.43
MG MG E . 39.88 4.73 12.36
MG MG F . 31.66 7.07 8.67
MG MG G . 44.90 1.52 -1.83
MG MG H . 40.48 0.01 13.15
MG MG I . -10.42 1.43 -43.70
MG MG J . -13.04 30.58 9.89
MG MG K . -4.91 18.84 10.43
MG MG L . 4.23 15.03 -6.81
MG MG M . 12.69 8.54 -23.20
MG MG N . -35.18 7.12 -11.84
MG MG O . -40.25 -9.06 -0.92
MG MG P . -29.05 2.32 -8.64
MG MG Q . -35.14 12.42 1.46
MG MG R . 8.45 -8.29 -9.39
MG MG S . -2.11 -7.90 8.01
MG MG T . -16.89 5.17 -9.37
MG MG U . -5.71 -11.20 24.97
MG MG V . -4.40 -8.66 28.60
#